data_6FN0
#
_entry.id   6FN0
#
_cell.length_a   146.240
_cell.length_b   146.240
_cell.length_c   67.440
_cell.angle_alpha   90.00
_cell.angle_beta   90.00
_cell.angle_gamma   90.00
#
_symmetry.space_group_name_H-M   'P 42 21 2'
#
loop_
_entity.id
_entity.type
_entity.pdbx_description
1 polymer 'Cryptochrome photoreceptor'
2 polymer "DNA (5'-D(*CP*AP*GP*CP*GP*GP*(64T)P*(5PY)P*GP*CP*CP*GP*TP*G)-3')"
3 polymer "DNA (5'-D(*CP*AP*CP*GP*GP*CP*AP*AP*CP*CP*GP*CP*TP*G)-3')"
4 non-polymer 'FLAVIN-ADENINE DINUCLEOTIDE'
5 non-polymer '2-(N-MORPHOLINO)-ETHANESULFONIC ACID'
6 non-polymer GLYCEROL
7 non-polymer 'MAGNESIUM ION'
8 non-polymer 'CHLORIDE ION'
9 non-polymer 'PENTAETHYLENE GLYCOL'
10 water water
#
loop_
_entity_poly.entity_id
_entity_poly.type
_entity_poly.pdbx_seq_one_letter_code
_entity_poly.pdbx_strand_id
1 'polypeptide(L)'
;MAGVKNSIIWFRKGLRLHDNPALLEACKDAKHVYPVFVLDPHFLQQSSYKVSVNRYNFLLESLEDLQRSFQARGSRLLVL
RGKPEEVFPRVFREWGVTQLCFEHDTEPYAKVRDAAVRRLAAEAGVEVVTPISHTLYDTDMLVARNGGAAPLTMQSFTKL
VDRVGDPPAPAPDPPAAMPPPAEDMPSAAPAATGVPTWQEVGFKEPPLTVFKGGETEALARLEAAFQDPKWVAGFQKPDT
DPSAWEKPATTVLSPYLKFGCLSARLFHARLLEVYRRHPAHSQPPVSLRGQLLWREFFYTVGSTTPNFHRMAGNPVCKQI
DWDDNPEFLAAWREARTGFPWIDAIMTQLVTWGWMHHLARHSVACFLTRGDLYVSWERGMEVFEEHLIDQDHYLNAANWM
WLSASAFFSQYFRVYSPVVFGKKYDPEGRFIRKFLPVLKDMPAKYIYEPWTAPLEVQRKAGCVVGRDYPAPIVDHAVASK
ACIARMAAAYRRSKGEKLA
;
A
2 'polydeoxyribonucleotide' (DC)(DA)(DG)(DC)(DG)(DG)(64T)(5PY)(DG)(DC)(DC)(DG)(DT)(DG) C
3 'polydeoxyribonucleotide' (DC)(DA)(DC)(DG)(DG)(DC)(DA)(DA)(DC)(DC)(DG)(DC)(DT)(DG) D
#
# COMPACT_ATOMS: atom_id res chain seq x y z
N VAL A 4 25.45 31.34 -6.98
CA VAL A 4 25.65 30.02 -6.29
C VAL A 4 24.32 29.27 -6.17
N LYS A 5 24.35 27.94 -6.34
CA LYS A 5 23.14 27.10 -6.23
C LYS A 5 23.18 26.17 -5.01
N ASN A 6 22.22 26.39 -4.12
CA ASN A 6 22.06 25.62 -2.89
C ASN A 6 20.69 24.97 -2.95
N SER A 7 20.63 23.64 -2.94
CA SER A 7 19.36 22.94 -3.14
C SER A 7 19.00 21.94 -2.04
N ILE A 8 17.69 21.70 -1.91
CA ILE A 8 17.15 20.63 -1.06
C ILE A 8 16.51 19.61 -1.98
N ILE A 9 16.79 18.33 -1.70
CA ILE A 9 16.08 17.20 -2.34
C ILE A 9 15.22 16.57 -1.26
N TRP A 10 13.92 16.83 -1.32
CA TRP A 10 12.99 16.45 -0.27
C TRP A 10 12.32 15.10 -0.54
N PHE A 11 12.61 14.14 0.34
CA PHE A 11 12.03 12.81 0.29
C PHE A 11 10.71 12.78 1.04
N ARG A 12 9.70 12.20 0.38
CA ARG A 12 8.43 11.86 1.04
C ARG A 12 8.16 10.41 0.66
N LYS A 13 7.82 10.16 -0.59
CA LYS A 13 7.94 8.84 -1.20
C LYS A 13 9.23 8.95 -2.00
N GLY A 14 9.45 8.03 -2.94
CA GLY A 14 10.67 8.03 -3.72
C GLY A 14 11.91 7.92 -2.84
N LEU A 15 11.87 6.99 -1.88
CA LEU A 15 12.99 6.71 -0.97
C LEU A 15 13.99 5.81 -1.71
N ARG A 16 14.65 6.41 -2.70
CA ARG A 16 15.61 5.75 -3.53
C ARG A 16 16.51 6.79 -4.21
N LEU A 17 17.60 6.28 -4.79
CA LEU A 17 18.53 7.07 -5.57
C LEU A 17 18.34 6.77 -7.07
N HIS A 18 18.07 5.52 -7.42
CA HIS A 18 17.76 5.22 -8.82
C HIS A 18 16.42 5.82 -9.26
N ASP A 19 16.27 6.00 -10.58
CA ASP A 19 15.12 6.67 -11.19
C ASP A 19 14.59 7.76 -10.27
N ASN A 20 15.44 8.75 -9.98
CA ASN A 20 15.07 9.91 -9.16
C ASN A 20 15.42 11.23 -9.88
N PRO A 21 14.57 11.65 -10.85
CA PRO A 21 14.79 12.91 -11.56
C PRO A 21 14.91 14.13 -10.64
N ALA A 22 14.16 14.12 -9.55
CA ALA A 22 14.17 15.20 -8.59
C ALA A 22 15.51 15.32 -7.91
N LEU A 23 16.15 14.19 -7.66
CA LEU A 23 17.50 14.18 -7.09
C LEU A 23 18.51 14.79 -8.07
N LEU A 24 18.51 14.24 -9.29
CA LEU A 24 19.40 14.66 -10.38
C LEU A 24 19.34 16.15 -10.69
N GLU A 25 18.13 16.72 -10.70
CA GLU A 25 17.96 18.16 -10.91
C GLU A 25 18.49 18.94 -9.73
N ALA A 26 18.28 18.43 -8.51
CA ALA A 26 18.80 19.07 -7.28
C ALA A 26 20.33 19.07 -7.19
N CYS A 27 21.00 18.18 -7.94
CA CYS A 27 22.47 18.06 -7.97
C CYS A 27 23.20 18.91 -9.02
N LYS A 28 22.54 19.25 -10.14
CA LYS A 28 23.18 20.02 -11.21
C LYS A 28 23.73 21.38 -10.76
N ASP A 29 25.01 21.64 -11.08
CA ASP A 29 25.65 22.94 -10.81
C ASP A 29 25.48 23.44 -9.37
N ALA A 30 25.39 22.49 -8.44
CA ALA A 30 25.03 22.79 -7.07
C ALA A 30 26.28 22.86 -6.22
N LYS A 31 26.28 23.81 -5.29
CA LYS A 31 27.38 23.97 -4.35
C LYS A 31 27.12 23.03 -3.18
N HIS A 32 25.90 23.08 -2.66
CA HIS A 32 25.47 22.18 -1.59
C HIS A 32 24.08 21.60 -1.88
N VAL A 33 23.91 20.29 -1.68
CA VAL A 33 22.60 19.66 -1.64
C VAL A 33 22.28 19.25 -0.21
N TYR A 34 21.06 19.51 0.23
CA TYR A 34 20.58 19.01 1.49
C TYR A 34 19.48 17.96 1.22
N PRO A 35 19.83 16.65 1.28
CA PRO A 35 18.80 15.60 1.32
C PRO A 35 17.98 15.66 2.61
N VAL A 36 16.67 15.74 2.46
CA VAL A 36 15.77 15.99 3.59
C VAL A 36 14.68 14.93 3.68
N PHE A 37 14.42 14.47 4.90
CA PHE A 37 13.14 13.85 5.25
C PHE A 37 12.60 14.57 6.47
N VAL A 38 11.37 15.04 6.36
CA VAL A 38 10.72 15.79 7.44
C VAL A 38 9.83 14.84 8.20
N LEU A 39 10.03 14.80 9.51
CA LEU A 39 9.46 13.80 10.39
C LEU A 39 8.67 14.51 11.47
N ASP A 40 7.38 14.24 11.56
CA ASP A 40 6.54 14.80 12.63
C ASP A 40 6.80 14.02 13.96
N PRO A 41 7.50 14.64 14.93
CA PRO A 41 7.78 13.86 16.15
C PRO A 41 6.51 13.59 17.01
N HIS A 42 5.52 14.48 16.94
CA HIS A 42 4.25 14.34 17.67
C HIS A 42 3.13 13.72 16.79
N PHE A 43 3.49 12.72 15.96
CA PHE A 43 2.57 12.10 14.99
C PHE A 43 1.70 11.06 15.66
N LEU A 44 2.37 10.22 16.43
CA LEU A 44 1.75 9.11 17.17
C LEU A 44 0.85 9.55 18.33
N GLN A 45 0.95 10.82 18.73
CA GLN A 45 0.12 11.37 19.81
C GLN A 45 -1.22 11.99 19.33
N GLN A 46 -1.35 12.24 18.01
CA GLN A 46 -2.65 12.53 17.39
C GLN A 46 -3.58 11.32 17.48
N SER A 47 -4.31 11.24 18.60
CA SER A 47 -5.15 10.09 19.03
C SER A 47 -6.01 9.38 17.96
N SER A 48 -6.76 10.17 17.19
CA SER A 48 -7.84 9.68 16.28
C SER A 48 -7.48 8.53 15.32
N TYR A 49 -6.23 8.49 14.85
CA TYR A 49 -5.75 7.41 13.96
C TYR A 49 -4.54 6.73 14.61
N LYS A 50 -4.41 5.43 14.38
CA LYS A 50 -3.27 4.66 14.86
C LYS A 50 -2.44 4.17 13.67
N VAL A 51 -1.16 3.95 13.95
CA VAL A 51 -0.19 3.46 12.99
C VAL A 51 0.58 2.32 13.65
N SER A 52 0.78 1.26 12.87
CA SER A 52 1.52 0.09 13.28
C SER A 52 2.98 0.42 13.36
N VAL A 53 3.64 -0.16 14.36
CA VAL A 53 5.08 -0.18 14.41
C VAL A 53 5.68 -0.92 13.21
N ASN A 54 4.90 -1.80 12.58
CA ASN A 54 5.38 -2.45 11.37
C ASN A 54 5.55 -1.48 10.23
N ARG A 55 4.58 -0.58 10.00
CA ARG A 55 4.75 0.35 8.88
C ARG A 55 5.82 1.39 9.23
N TYR A 56 5.83 1.84 10.48
CA TYR A 56 6.73 2.92 10.84
C TYR A 56 8.16 2.46 10.72
N ASN A 57 8.44 1.27 11.23
CA ASN A 57 9.81 0.79 11.21
C ASN A 57 10.31 0.49 9.82
N PHE A 58 9.41 0.04 8.93
CA PHE A 58 9.75 -0.16 7.51
C PHE A 58 10.25 1.13 6.88
N LEU A 59 9.57 2.24 7.19
CA LEU A 59 10.05 3.57 6.79
C LEU A 59 11.46 3.82 7.33
N LEU A 60 11.63 3.65 8.65
CA LEU A 60 12.90 3.98 9.28
C LEU A 60 14.03 3.17 8.69
N GLU A 61 13.78 1.90 8.42
CA GLU A 61 14.77 1.04 7.79
C GLU A 61 15.12 1.52 6.39
N SER A 62 14.14 2.09 5.69
CA SER A 62 14.36 2.73 4.39
C SER A 62 15.19 4.01 4.50
N LEU A 63 14.92 4.81 5.54
CA LEU A 63 15.68 6.02 5.78
C LEU A 63 17.11 5.68 6.17
N GLU A 64 17.29 4.65 7.00
CA GLU A 64 18.63 4.12 7.27
C GLU A 64 19.31 3.69 5.97
N ASP A 65 18.63 2.98 5.11
CA ASP A 65 19.21 2.63 3.81
C ASP A 65 19.64 3.85 2.96
N LEU A 66 18.88 4.95 3.04
CA LEU A 66 19.27 6.20 2.34
C LEU A 66 20.49 6.86 2.96
N GLN A 67 20.50 6.98 4.29
CA GLN A 67 21.65 7.47 5.06
C GLN A 67 22.93 6.77 4.61
N ARG A 68 22.86 5.43 4.52
CA ARG A 68 23.97 4.62 4.03
C ARG A 68 24.39 4.98 2.61
N SER A 69 23.43 5.03 1.70
CA SER A 69 23.67 5.40 0.31
C SER A 69 24.39 6.75 0.12
N PHE A 70 24.07 7.72 1.00
CA PHE A 70 24.64 9.08 0.96
C PHE A 70 26.00 9.22 1.63
N GLN A 71 26.18 8.58 2.78
CA GLN A 71 27.51 8.44 3.38
C GLN A 71 28.49 7.88 2.36
N ALA A 72 28.07 6.84 1.63
CA ALA A 72 28.88 6.25 0.55
C ALA A 72 29.12 7.17 -0.67
N ARG A 73 28.66 8.43 -0.61
CA ARG A 73 28.94 9.46 -1.63
C ARG A 73 29.31 10.83 -1.02
N GLY A 74 29.79 10.85 0.23
CA GLY A 74 30.22 12.08 0.89
C GLY A 74 29.16 12.85 1.66
N SER A 75 27.91 12.82 1.17
CA SER A 75 26.77 13.54 1.81
C SER A 75 26.12 12.65 2.88
N ARG A 76 24.92 13.05 3.34
CA ARG A 76 24.15 12.25 4.30
C ARG A 76 22.66 12.67 4.32
N LEU A 77 21.80 11.81 4.87
CA LEU A 77 20.37 12.13 5.03
C LEU A 77 20.13 12.97 6.28
N LEU A 78 19.38 14.05 6.08
CA LEU A 78 18.96 14.93 7.17
C LEU A 78 17.48 14.67 7.54
N VAL A 79 17.27 14.06 8.70
CA VAL A 79 15.94 13.84 9.21
C VAL A 79 15.52 15.03 10.11
N LEU A 80 15.02 16.06 9.45
CA LEU A 80 14.56 17.27 10.13
C LEU A 80 13.29 16.96 10.90
N ARG A 81 13.20 17.40 12.15
CA ARG A 81 12.01 17.16 13.00
C ARG A 81 11.02 18.33 12.89
N GLY A 82 9.75 18.03 12.65
CA GLY A 82 8.72 19.05 12.68
C GLY A 82 7.71 18.89 11.56
N LYS A 83 6.94 19.94 11.31
CA LYS A 83 5.99 20.00 10.20
C LYS A 83 6.58 20.80 9.05
N PRO A 84 6.36 20.37 7.78
CA PRO A 84 7.08 21.03 6.66
C PRO A 84 6.87 22.54 6.60
N GLU A 85 5.62 22.98 6.69
CA GLU A 85 5.24 24.40 6.69
C GLU A 85 5.93 25.27 7.78
N GLU A 86 6.39 24.64 8.87
CA GLU A 86 7.28 25.29 9.87
C GLU A 86 8.74 25.15 9.46
N VAL A 87 9.22 23.93 9.27
CA VAL A 87 10.65 23.64 9.10
C VAL A 87 11.29 24.32 7.89
N PHE A 88 10.62 24.27 6.75
CA PHE A 88 11.22 24.79 5.52
C PHE A 88 11.54 26.30 5.51
N PRO A 89 10.60 27.16 5.98
CA PRO A 89 10.86 28.59 6.04
C PRO A 89 12.19 28.97 6.69
N ARG A 90 12.53 28.31 7.80
CA ARG A 90 13.81 28.48 8.50
C ARG A 90 15.01 28.03 7.64
N VAL A 91 15.04 26.74 7.29
CA VAL A 91 16.19 26.18 6.58
C VAL A 91 16.40 26.73 5.18
N PHE A 92 15.36 27.31 4.57
CA PHE A 92 15.52 28.04 3.31
C PHE A 92 16.42 29.23 3.56
N ARG A 93 16.01 30.02 4.58
CA ARG A 93 16.70 31.25 4.96
C ARG A 93 18.10 30.87 5.46
N GLU A 94 18.18 30.03 6.49
CA GLU A 94 19.46 29.51 7.02
C GLU A 94 20.43 28.99 5.94
N TRP A 95 20.06 27.94 5.22
CA TRP A 95 20.99 27.30 4.29
C TRP A 95 21.23 28.06 2.98
N GLY A 96 20.48 29.16 2.77
CA GLY A 96 20.62 30.01 1.60
C GLY A 96 20.14 29.30 0.35
N VAL A 97 18.94 28.73 0.43
CA VAL A 97 18.45 27.79 -0.59
C VAL A 97 17.96 28.53 -1.83
N THR A 98 18.46 28.15 -2.99
CA THR A 98 17.95 28.62 -4.27
C THR A 98 16.88 27.69 -4.85
N GLN A 99 17.05 26.38 -4.70
CA GLN A 99 16.18 25.37 -5.33
C GLN A 99 15.66 24.29 -4.37
N LEU A 100 14.39 23.93 -4.51
CA LEU A 100 13.78 22.75 -3.84
C LEU A 100 13.25 21.75 -4.86
N CYS A 101 13.83 20.54 -4.87
CA CYS A 101 13.30 19.44 -5.69
C CYS A 101 12.63 18.33 -4.87
N PHE A 102 11.43 17.89 -5.27
CA PHE A 102 10.83 16.65 -4.77
C PHE A 102 10.01 15.92 -5.84
N GLU A 103 9.72 14.65 -5.60
CA GLU A 103 8.88 13.87 -6.52
C GLU A 103 7.40 14.24 -6.31
N HIS A 104 6.70 14.52 -7.41
CA HIS A 104 5.27 14.84 -7.39
C HIS A 104 4.50 13.72 -6.72
N ASP A 105 3.44 14.11 -6.01
CA ASP A 105 2.61 13.23 -5.20
C ASP A 105 1.17 13.74 -5.38
N THR A 106 0.31 12.85 -5.88
CA THR A 106 -1.06 13.21 -6.27
C THR A 106 -2.11 12.92 -5.20
N GLU A 107 -1.69 12.61 -3.97
CA GLU A 107 -2.64 12.28 -2.86
C GLU A 107 -3.29 13.54 -2.28
N PRO A 108 -4.58 13.48 -1.88
CA PRO A 108 -5.32 14.67 -1.45
C PRO A 108 -4.58 15.51 -0.44
N TYR A 109 -4.00 14.87 0.58
CA TYR A 109 -3.19 15.58 1.58
C TYR A 109 -1.88 16.14 1.00
N ALA A 110 -1.15 15.38 0.21
CA ALA A 110 0.12 15.88 -0.35
C ALA A 110 -0.04 17.16 -1.19
N LYS A 111 -1.19 17.33 -1.83
CA LYS A 111 -1.48 18.51 -2.65
C LYS A 111 -1.65 19.77 -1.81
N VAL A 112 -2.29 19.63 -0.66
CA VAL A 112 -2.41 20.68 0.35
C VAL A 112 -1.01 21.07 0.87
N ARG A 113 -0.29 20.05 1.36
CA ARG A 113 1.07 20.24 1.87
C ARG A 113 1.98 20.87 0.84
N ASP A 114 1.95 20.38 -0.40
CA ASP A 114 2.83 20.89 -1.44
C ASP A 114 2.39 22.28 -1.90
N ALA A 115 1.09 22.57 -1.91
CA ALA A 115 0.63 23.94 -2.22
C ALA A 115 1.20 24.97 -1.24
N ALA A 116 1.23 24.59 0.03
CA ALA A 116 1.83 25.38 1.09
C ALA A 116 3.34 25.56 0.91
N VAL A 117 4.06 24.47 0.69
CA VAL A 117 5.52 24.52 0.58
C VAL A 117 5.98 25.32 -0.68
N ARG A 118 5.18 25.26 -1.74
CA ARG A 118 5.40 26.05 -2.97
C ARG A 118 5.27 27.54 -2.71
N ARG A 119 4.21 27.92 -2.01
CA ARG A 119 4.01 29.30 -1.59
C ARG A 119 5.19 29.76 -0.73
N LEU A 120 5.58 28.94 0.23
CA LEU A 120 6.67 29.27 1.16
C LEU A 120 8.01 29.36 0.45
N ALA A 121 8.22 28.52 -0.56
CA ALA A 121 9.38 28.63 -1.44
C ALA A 121 9.43 29.94 -2.24
N ALA A 122 8.30 30.37 -2.80
CA ALA A 122 8.18 31.64 -3.54
C ALA A 122 8.51 32.86 -2.68
N GLU A 123 8.08 32.80 -1.42
CA GLU A 123 8.32 33.87 -0.46
C GLU A 123 9.76 33.94 0.10
N ALA A 124 10.59 32.93 -0.21
CA ALA A 124 12.01 32.96 0.11
C ALA A 124 12.83 32.88 -1.18
N GLY A 125 12.21 33.25 -2.30
CA GLY A 125 12.86 33.19 -3.61
C GLY A 125 13.32 31.83 -4.12
N VAL A 126 12.69 30.77 -3.61
CA VAL A 126 13.13 29.41 -3.89
C VAL A 126 12.41 28.84 -5.11
N GLU A 127 13.18 28.35 -6.07
CA GLU A 127 12.66 27.68 -7.26
C GLU A 127 12.24 26.27 -6.84
N VAL A 128 11.10 25.79 -7.35
CA VAL A 128 10.54 24.47 -6.96
C VAL A 128 10.35 23.59 -8.20
N VAL A 129 11.02 22.45 -8.24
CA VAL A 129 10.95 21.55 -9.39
C VAL A 129 10.45 20.22 -8.87
N THR A 130 9.40 19.70 -9.50
CA THR A 130 8.71 18.49 -9.05
C THR A 130 8.38 17.60 -10.25
N PRO A 131 9.35 16.74 -10.63
CA PRO A 131 9.09 15.76 -11.66
C PRO A 131 8.14 14.59 -11.23
N ILE A 132 7.40 14.04 -12.20
CA ILE A 132 6.70 12.77 -12.06
C ILE A 132 7.72 11.64 -12.06
N SER A 133 7.65 10.78 -11.06
CA SER A 133 8.35 9.50 -11.13
C SER A 133 7.83 8.37 -10.20
N HIS A 134 6.71 8.57 -9.50
CA HIS A 134 6.17 7.59 -8.56
C HIS A 134 5.25 6.65 -9.30
N THR A 135 4.41 7.25 -10.14
CA THR A 135 3.61 6.55 -11.11
C THR A 135 4.44 6.32 -12.37
N LEU A 136 3.91 5.50 -13.28
CA LEU A 136 4.55 5.24 -14.57
C LEU A 136 4.45 6.47 -15.46
N TYR A 137 3.23 6.97 -15.62
CA TYR A 137 2.97 8.17 -16.39
C TYR A 137 2.55 9.34 -15.52
N ASP A 138 2.53 10.52 -16.13
CA ASP A 138 1.91 11.72 -15.60
C ASP A 138 0.44 11.42 -15.72
N THR A 139 -0.27 11.29 -14.60
CA THR A 139 -1.68 10.89 -14.67
C THR A 139 -2.59 12.02 -15.13
N ASP A 140 -2.17 13.27 -14.92
CA ASP A 140 -2.92 14.42 -15.44
C ASP A 140 -2.94 14.38 -16.94
N MET A 141 -1.79 14.01 -17.52
CA MET A 141 -1.66 13.76 -18.95
C MET A 141 -2.59 12.62 -19.40
N LEU A 142 -2.54 11.48 -18.71
CA LEU A 142 -3.37 10.34 -19.11
C LEU A 142 -4.85 10.68 -19.18
N VAL A 143 -5.30 11.53 -18.26
CA VAL A 143 -6.68 12.00 -18.24
C VAL A 143 -6.96 12.94 -19.43
N ALA A 144 -6.12 13.94 -19.62
CA ALA A 144 -6.24 14.85 -20.77
C ALA A 144 -6.30 14.07 -22.08
N ARG A 145 -5.42 13.09 -22.27
CA ARG A 145 -5.40 12.24 -23.48
C ARG A 145 -6.71 11.43 -23.68
N ASN A 146 -7.36 11.06 -22.59
CA ASN A 146 -8.63 10.34 -22.66
C ASN A 146 -9.86 11.26 -22.87
N GLY A 147 -9.64 12.58 -22.88
CA GLY A 147 -10.70 13.55 -23.10
C GLY A 147 -11.31 14.18 -21.87
N GLY A 148 -10.52 14.34 -20.79
CA GLY A 148 -10.97 15.07 -19.59
C GLY A 148 -11.36 14.25 -18.36
N ALA A 149 -11.57 12.95 -18.55
CA ALA A 149 -11.99 12.02 -17.48
C ALA A 149 -11.12 10.77 -17.47
N ALA A 150 -10.74 10.31 -16.28
CA ALA A 150 -10.01 9.05 -16.14
C ALA A 150 -10.87 7.85 -16.60
N PRO A 151 -10.28 6.84 -17.28
CA PRO A 151 -11.05 5.62 -17.60
C PRO A 151 -11.65 5.00 -16.37
N LEU A 152 -12.76 4.30 -16.55
CA LEU A 152 -13.38 3.56 -15.44
C LEU A 152 -13.40 2.06 -15.63
N THR A 153 -12.84 1.56 -16.72
CA THR A 153 -12.59 0.14 -16.87
C THR A 153 -11.13 -0.05 -17.21
N MET A 154 -10.59 -1.18 -16.78
CA MET A 154 -9.22 -1.55 -17.08
C MET A 154 -9.02 -1.80 -18.58
N GLN A 155 -10.04 -2.31 -19.25
CA GLN A 155 -9.94 -2.58 -20.67
C GLN A 155 -9.64 -1.30 -21.43
N SER A 156 -10.43 -0.25 -21.22
CA SER A 156 -10.17 1.05 -21.88
C SER A 156 -8.90 1.78 -21.39
N PHE A 157 -8.52 1.54 -20.14
CA PHE A 157 -7.27 2.02 -19.61
C PHE A 157 -6.07 1.37 -20.28
N THR A 158 -6.16 0.10 -20.64
CA THR A 158 -5.04 -0.57 -21.30
C THR A 158 -4.84 -0.04 -22.72
N LYS A 159 -5.94 0.13 -23.46
CA LYS A 159 -5.93 0.77 -24.77
C LYS A 159 -5.24 2.14 -24.71
N LEU A 160 -5.68 2.95 -23.77
CA LEU A 160 -5.20 4.31 -23.61
C LEU A 160 -3.67 4.39 -23.45
N VAL A 161 -3.11 3.58 -22.56
CA VAL A 161 -1.67 3.58 -22.36
C VAL A 161 -0.91 2.97 -23.55
N ASP A 162 -1.52 2.01 -24.25
CA ASP A 162 -0.94 1.50 -25.50
C ASP A 162 -0.83 2.62 -26.53
N ARG A 163 -1.89 3.44 -26.65
CA ARG A 163 -1.88 4.64 -27.51
C ARG A 163 -0.81 5.64 -27.13
N VAL A 164 -0.71 5.92 -25.83
CA VAL A 164 0.28 6.89 -25.33
C VAL A 164 1.70 6.40 -25.61
N GLY A 165 1.94 5.11 -25.38
CA GLY A 165 3.27 4.50 -25.58
C GLY A 165 3.85 3.99 -24.26
N ASP A 166 5.07 3.46 -24.32
CA ASP A 166 5.71 2.93 -23.11
C ASP A 166 5.92 4.05 -22.08
N PRO A 167 5.83 3.75 -20.78
CA PRO A 167 6.17 4.82 -19.84
C PRO A 167 7.63 5.25 -20.02
N PRO A 168 7.97 6.49 -19.67
CA PRO A 168 9.36 6.96 -19.65
C PRO A 168 10.36 5.98 -19.04
N ALA A 169 11.61 6.07 -19.46
CA ALA A 169 12.66 5.19 -18.92
C ALA A 169 13.03 5.62 -17.50
N PRO A 170 13.51 4.68 -16.67
CA PRO A 170 14.10 5.13 -15.42
C PRO A 170 15.19 6.13 -15.68
N ALA A 171 15.26 7.16 -14.85
CA ALA A 171 16.30 8.18 -14.98
C ALA A 171 17.69 7.57 -14.78
N PRO A 172 18.73 8.27 -15.27
CA PRO A 172 20.12 7.95 -14.98
C PRO A 172 20.42 7.80 -13.49
N ASP A 173 21.34 6.89 -13.14
CA ASP A 173 21.91 6.84 -11.77
C ASP A 173 22.50 8.18 -11.35
N PRO A 174 22.34 8.56 -10.08
CA PRO A 174 22.88 9.85 -9.62
C PRO A 174 24.44 9.87 -9.49
N PRO A 175 25.03 11.06 -9.23
CA PRO A 175 26.47 11.23 -8.98
C PRO A 175 27.12 10.23 -7.99
N ALA A 176 28.35 9.81 -8.29
CA ALA A 176 29.12 8.90 -7.44
C ALA A 176 29.52 9.54 -6.11
N ALA A 177 29.94 10.82 -6.17
CA ALA A 177 30.15 11.65 -4.99
C ALA A 177 29.25 12.86 -5.14
N MET A 178 28.78 13.38 -4.01
CA MET A 178 27.83 14.48 -4.00
C MET A 178 28.27 15.63 -3.10
N PRO A 179 27.86 16.88 -3.44
CA PRO A 179 28.28 17.98 -2.58
C PRO A 179 27.65 17.83 -1.22
N PRO A 180 28.46 17.80 -0.14
CA PRO A 180 27.83 17.70 1.17
C PRO A 180 27.06 18.97 1.49
N PRO A 181 26.28 18.97 2.57
CA PRO A 181 25.75 20.24 3.03
C PRO A 181 26.87 21.13 3.56
N ALA A 182 26.62 22.43 3.57
CA ALA A 182 27.55 23.38 4.14
C ALA A 182 27.73 23.08 5.63
N GLU A 183 28.97 23.16 6.11
CA GLU A 183 29.30 22.91 7.51
C GLU A 183 28.87 24.10 8.37
N ASP A 184 28.64 23.85 9.65
CA ASP A 184 28.25 24.89 10.60
C ASP A 184 26.83 25.48 10.33
N MET A 185 25.91 24.63 9.86
CA MET A 185 24.49 24.98 9.74
C MET A 185 23.79 24.21 10.84
N PRO A 186 23.24 24.91 11.85
CA PRO A 186 22.70 24.23 13.04
C PRO A 186 21.51 23.27 12.80
N SER A 187 20.67 23.56 11.81
CA SER A 187 19.59 22.64 11.43
C SER A 187 20.09 21.34 10.75
N ALA A 188 21.29 21.41 10.15
CA ALA A 188 21.92 20.27 9.51
C ALA A 188 22.89 19.47 10.41
N ALA A 189 22.96 19.80 11.71
CA ALA A 189 23.87 19.10 12.65
C ALA A 189 23.51 17.61 12.78
N PRO A 190 24.50 16.71 12.61
CA PRO A 190 24.25 15.25 12.74
C PRO A 190 23.62 14.72 14.04
N ALA A 191 23.85 15.39 15.17
CA ALA A 191 23.17 15.08 16.43
C ALA A 191 21.66 15.35 16.36
N ALA A 192 21.26 16.35 15.56
CA ALA A 192 19.85 16.73 15.37
C ALA A 192 19.14 15.98 14.24
N THR A 193 19.88 15.48 13.25
CA THR A 193 19.27 14.95 12.02
C THR A 193 19.42 13.43 11.79
N GLY A 194 19.64 12.66 12.85
CA GLY A 194 19.77 11.21 12.76
C GLY A 194 18.45 10.48 12.56
N VAL A 195 18.54 9.25 12.06
CA VAL A 195 17.38 8.38 11.84
C VAL A 195 17.05 7.62 13.13
N PRO A 196 15.91 7.93 13.79
CA PRO A 196 15.63 7.31 15.08
C PRO A 196 15.18 5.85 14.97
N THR A 197 15.28 5.14 16.07
CA THR A 197 14.85 3.76 16.13
C THR A 197 13.39 3.76 16.57
N TRP A 198 12.68 2.64 16.32
CA TRP A 198 11.28 2.49 16.74
C TRP A 198 11.11 2.71 18.26
N GLN A 199 12.14 2.33 19.01
CA GLN A 199 12.19 2.58 20.45
C GLN A 199 12.06 4.07 20.70
N GLU A 200 12.93 4.84 20.04
CA GLU A 200 13.08 6.28 20.27
C GLU A 200 11.87 7.16 19.89
N VAL A 201 11.00 6.66 19.03
CA VAL A 201 9.79 7.39 18.66
C VAL A 201 8.60 7.05 19.57
N GLY A 202 8.79 6.17 20.55
CA GLY A 202 7.74 5.88 21.54
C GLY A 202 6.84 4.68 21.25
N PHE A 203 7.40 3.62 20.67
CA PHE A 203 6.73 2.31 20.53
C PHE A 203 7.26 1.36 21.61
N LYS A 204 6.35 0.62 22.22
CA LYS A 204 6.67 -0.29 23.31
C LYS A 204 6.77 -1.75 22.86
N GLU A 205 5.96 -2.11 21.86
CA GLU A 205 5.94 -3.47 21.31
C GLU A 205 6.76 -3.52 20.01
N PRO A 206 7.65 -4.53 19.85
CA PRO A 206 8.56 -4.55 18.72
C PRO A 206 7.86 -4.98 17.42
N PRO A 207 8.44 -4.63 16.25
CA PRO A 207 7.84 -5.00 14.98
C PRO A 207 8.11 -6.46 14.62
N LEU A 208 7.04 -7.22 14.39
CA LEU A 208 7.15 -8.66 14.12
C LEU A 208 7.29 -9.03 12.64
N THR A 209 7.22 -8.06 11.74
CA THR A 209 7.26 -8.32 10.29
C THR A 209 8.61 -8.90 9.77
N VAL A 210 8.49 -9.66 8.68
CA VAL A 210 9.63 -10.34 8.08
C VAL A 210 10.22 -9.60 6.88
N PHE A 211 9.58 -8.51 6.45
CA PHE A 211 10.05 -7.73 5.31
C PHE A 211 10.70 -6.47 5.79
N LYS A 212 11.90 -6.21 5.28
CA LYS A 212 12.72 -5.08 5.70
C LYS A 212 12.66 -3.94 4.70
N GLY A 213 12.62 -2.71 5.21
CA GLY A 213 12.63 -1.51 4.38
C GLY A 213 13.95 -1.27 3.66
N GLY A 214 13.87 -0.49 2.59
CA GLY A 214 15.06 0.06 1.96
C GLY A 214 15.20 -0.25 0.50
N GLU A 215 15.80 0.71 -0.20
CA GLU A 215 16.14 0.60 -1.60
C GLU A 215 16.92 -0.67 -1.90
N THR A 216 17.84 -1.03 -1.02
CA THR A 216 18.78 -2.14 -1.31
C THR A 216 18.05 -3.48 -1.30
N GLU A 217 17.23 -3.66 -0.27
CA GLU A 217 16.25 -4.75 -0.22
C GLU A 217 15.30 -4.77 -1.42
N ALA A 218 14.81 -3.59 -1.78
CA ALA A 218 13.90 -3.45 -2.90
C ALA A 218 14.49 -3.98 -4.22
N LEU A 219 15.71 -3.54 -4.51
CA LEU A 219 16.42 -3.98 -5.72
C LEU A 219 16.84 -5.44 -5.62
N ALA A 220 17.22 -5.85 -4.42
CA ALA A 220 17.52 -7.26 -4.15
C ALA A 220 16.31 -8.15 -4.42
N ARG A 221 15.14 -7.75 -3.91
CA ARG A 221 13.89 -8.49 -4.12
C ARG A 221 13.41 -8.41 -5.57
N LEU A 222 13.69 -7.28 -6.24
CA LEU A 222 13.50 -7.20 -7.68
C LEU A 222 14.35 -8.24 -8.44
N GLU A 223 15.61 -8.44 -8.05
CA GLU A 223 16.45 -9.45 -8.72
C GLU A 223 16.04 -10.88 -8.40
N ALA A 224 15.55 -11.09 -7.18
CA ALA A 224 14.92 -12.37 -6.77
C ALA A 224 13.72 -12.77 -7.65
N ALA A 225 12.93 -11.79 -8.07
CA ALA A 225 11.79 -12.03 -8.95
C ALA A 225 12.21 -12.40 -10.38
N PHE A 226 13.20 -11.70 -10.91
CA PHE A 226 13.66 -11.89 -12.29
C PHE A 226 14.68 -13.04 -12.42
N GLN A 227 15.01 -13.67 -11.30
CA GLN A 227 15.77 -14.92 -11.28
C GLN A 227 15.18 -15.97 -12.24
N ASP A 228 13.86 -16.10 -12.24
CA ASP A 228 13.13 -17.05 -13.06
C ASP A 228 12.28 -16.28 -14.08
N PRO A 229 12.87 -15.87 -15.23
CA PRO A 229 12.12 -15.11 -16.24
C PRO A 229 10.98 -15.86 -16.90
N LYS A 230 10.98 -17.19 -16.78
CA LYS A 230 9.81 -17.99 -17.16
C LYS A 230 8.59 -17.58 -16.35
N TRP A 231 8.80 -17.46 -15.03
CA TRP A 231 7.73 -17.15 -14.08
C TRP A 231 7.15 -15.74 -14.31
N VAL A 232 8.05 -14.78 -14.51
CA VAL A 232 7.71 -13.40 -14.83
C VAL A 232 6.91 -13.30 -16.12
N ALA A 233 7.31 -14.06 -17.13
CA ALA A 233 6.64 -14.03 -18.43
C ALA A 233 5.24 -14.66 -18.36
N GLY A 234 5.11 -15.71 -17.57
CA GLY A 234 3.87 -16.48 -17.52
C GLY A 234 2.95 -16.12 -16.38
N PHE A 235 3.35 -15.13 -15.58
CA PHE A 235 2.60 -14.68 -14.40
C PHE A 235 1.14 -14.44 -14.73
N GLN A 236 0.26 -15.07 -13.95
CA GLN A 236 -1.16 -14.83 -13.98
C GLN A 236 -1.68 -14.68 -12.55
N LYS A 237 -2.13 -13.47 -12.21
CA LYS A 237 -2.45 -13.11 -10.82
C LYS A 237 -3.50 -14.01 -10.16
N PRO A 238 -4.59 -14.35 -10.88
CA PRO A 238 -5.60 -15.24 -10.30
C PRO A 238 -5.16 -16.69 -10.00
N ASP A 239 -4.04 -17.12 -10.58
CA ASP A 239 -3.47 -18.44 -10.33
C ASP A 239 -2.47 -18.49 -9.18
N THR A 240 -2.31 -17.44 -8.39
CA THR A 240 -1.35 -17.49 -7.26
C THR A 240 -2.01 -17.96 -5.94
N ASP A 241 -1.19 -18.47 -5.04
CA ASP A 241 -1.64 -19.16 -3.84
C ASP A 241 -1.60 -18.22 -2.61
N PRO A 242 -2.77 -17.88 -2.03
CA PRO A 242 -2.81 -17.06 -0.79
C PRO A 242 -2.39 -17.74 0.52
N SER A 243 -2.14 -19.06 0.48
CA SER A 243 -1.70 -19.77 1.67
C SER A 243 -0.19 -19.75 1.76
N ALA A 244 0.49 -19.47 0.65
CA ALA A 244 1.92 -19.41 0.65
C ALA A 244 2.44 -18.24 1.50
N TRP A 245 3.09 -18.57 2.61
CA TRP A 245 3.76 -17.58 3.47
C TRP A 245 5.28 -17.73 3.45
N GLU A 246 5.78 -18.97 3.39
CA GLU A 246 7.23 -19.21 3.43
C GLU A 246 7.90 -18.69 2.18
N LYS A 247 7.39 -19.13 1.03
CA LYS A 247 7.74 -18.59 -0.26
C LYS A 247 6.44 -17.94 -0.77
N PRO A 248 6.22 -16.62 -0.51
CA PRO A 248 4.96 -15.98 -0.95
C PRO A 248 4.79 -16.04 -2.45
N ALA A 249 3.55 -16.16 -2.89
CA ALA A 249 3.26 -16.52 -4.28
C ALA A 249 3.19 -15.34 -5.22
N THR A 250 3.37 -14.11 -4.71
CA THR A 250 3.53 -12.90 -5.55
C THR A 250 4.85 -12.21 -5.16
N THR A 251 5.21 -11.11 -5.81
CA THR A 251 6.57 -10.52 -5.66
C THR A 251 6.90 -9.91 -4.27
N VAL A 252 5.85 -9.54 -3.53
CA VAL A 252 5.93 -8.67 -2.36
C VAL A 252 6.79 -7.43 -2.64
N LEU A 253 6.57 -6.83 -3.80
CA LEU A 253 7.21 -5.55 -4.08
C LEU A 253 6.36 -4.35 -3.60
N SER A 254 5.13 -4.62 -3.16
CA SER A 254 4.17 -3.56 -2.89
C SER A 254 4.59 -2.57 -1.83
N PRO A 255 5.25 -3.02 -0.74
CA PRO A 255 5.75 -2.05 0.24
C PRO A 255 6.82 -1.16 -0.35
N TYR A 256 7.62 -1.74 -1.23
CA TYR A 256 8.71 -1.02 -1.85
C TYR A 256 8.17 0.01 -2.85
N LEU A 257 7.16 -0.38 -3.63
CA LEU A 257 6.55 0.55 -4.58
C LEU A 257 5.75 1.65 -3.90
N LYS A 258 5.14 1.33 -2.76
CA LYS A 258 4.42 2.29 -1.95
C LYS A 258 5.35 3.42 -1.43
N PHE A 259 6.48 3.02 -0.84
CA PHE A 259 7.46 4.00 -0.34
C PHE A 259 8.40 4.53 -1.43
N GLY A 260 8.35 3.96 -2.63
CA GLY A 260 9.27 4.35 -3.68
C GLY A 260 10.71 3.92 -3.46
N CYS A 261 10.92 2.90 -2.62
CA CYS A 261 12.19 2.15 -2.60
C CYS A 261 12.49 1.48 -3.95
N LEU A 262 11.44 1.01 -4.64
CA LEU A 262 11.54 0.56 -6.02
C LEU A 262 10.86 1.56 -6.97
N SER A 263 11.42 1.66 -8.19
CA SER A 263 10.92 2.55 -9.22
C SER A 263 9.92 1.78 -10.06
N ALA A 264 8.68 2.25 -10.10
CA ALA A 264 7.69 1.68 -10.99
C ALA A 264 8.22 1.56 -12.43
N ARG A 265 8.85 2.62 -12.95
CA ARG A 265 9.35 2.63 -14.32
C ARG A 265 10.47 1.59 -14.56
N LEU A 266 11.32 1.39 -13.57
CA LEU A 266 12.35 0.36 -13.66
C LEU A 266 11.74 -1.03 -13.79
N PHE A 267 10.88 -1.38 -12.84
CA PHE A 267 10.13 -2.63 -12.85
C PHE A 267 9.49 -2.83 -14.20
N HIS A 268 8.79 -1.82 -14.69
CA HIS A 268 8.12 -1.88 -16.00
C HIS A 268 9.17 -2.16 -17.08
N ALA A 269 10.21 -1.33 -17.12
CA ALA A 269 11.28 -1.45 -18.14
C ALA A 269 11.88 -2.86 -18.17
N ARG A 270 12.08 -3.40 -16.97
CA ARG A 270 12.56 -4.78 -16.82
C ARG A 270 11.56 -5.81 -17.35
N LEU A 271 10.26 -5.60 -17.13
CA LEU A 271 9.21 -6.47 -17.70
C LEU A 271 9.20 -6.47 -19.25
N LEU A 272 9.28 -5.28 -19.85
CA LEU A 272 9.34 -5.17 -21.30
C LEU A 272 10.56 -5.88 -21.90
N GLU A 273 11.70 -5.84 -21.21
CA GLU A 273 12.88 -6.63 -21.60
C GLU A 273 12.54 -8.11 -21.62
N VAL A 274 11.91 -8.59 -20.58
CA VAL A 274 11.58 -10.02 -20.50
C VAL A 274 10.54 -10.37 -21.56
N TYR A 275 9.49 -9.57 -21.66
CA TYR A 275 8.42 -9.80 -22.66
C TYR A 275 8.92 -9.80 -24.13
N ARG A 276 9.96 -9.02 -24.37
CA ARG A 276 10.63 -8.96 -25.67
C ARG A 276 11.29 -10.30 -26.05
N ARG A 277 11.80 -11.03 -25.05
CA ARG A 277 12.45 -12.35 -25.22
C ARG A 277 11.53 -13.58 -25.03
N HIS A 278 10.24 -13.39 -24.75
CA HIS A 278 9.30 -14.48 -24.44
C HIS A 278 7.93 -14.12 -25.01
N PRO A 279 7.81 -14.08 -26.36
CA PRO A 279 6.59 -13.52 -27.01
C PRO A 279 5.24 -14.14 -26.59
N ALA A 280 5.28 -15.37 -26.08
CA ALA A 280 4.08 -16.03 -25.52
C ALA A 280 3.67 -15.58 -24.09
N HIS A 281 4.17 -14.42 -23.62
CA HIS A 281 3.92 -13.92 -22.25
C HIS A 281 2.47 -13.53 -21.99
N SER A 282 2.13 -13.47 -20.69
CA SER A 282 0.77 -13.13 -20.27
C SER A 282 0.47 -11.67 -20.58
N GLN A 283 -0.79 -11.38 -20.77
CA GLN A 283 -1.23 -10.04 -21.08
C GLN A 283 -1.96 -9.45 -19.88
N PRO A 284 -2.18 -8.11 -19.90
CA PRO A 284 -3.16 -7.52 -18.99
C PRO A 284 -4.55 -8.13 -19.24
N PRO A 285 -5.41 -8.23 -18.22
CA PRO A 285 -5.22 -7.69 -16.86
C PRO A 285 -4.47 -8.55 -15.83
N VAL A 286 -4.09 -9.78 -16.17
CA VAL A 286 -3.58 -10.72 -15.17
C VAL A 286 -2.06 -10.74 -15.07
N SER A 287 -1.39 -10.24 -16.10
CA SER A 287 0.06 -10.27 -16.15
C SER A 287 0.68 -9.39 -15.08
N LEU A 288 1.97 -9.58 -14.88
CA LEU A 288 2.68 -8.83 -13.87
C LEU A 288 2.72 -7.34 -14.21
N ARG A 289 2.90 -6.99 -15.48
CA ARG A 289 2.70 -5.62 -15.96
C ARG A 289 1.27 -5.20 -15.64
N GLY A 290 0.29 -6.05 -15.94
CA GLY A 290 -1.12 -5.81 -15.56
C GLY A 290 -1.30 -5.31 -14.12
N GLN A 291 -0.50 -5.83 -13.20
CA GLN A 291 -0.55 -5.42 -11.82
C GLN A 291 -0.02 -4.01 -11.62
N LEU A 292 1.06 -3.67 -12.31
CA LEU A 292 1.54 -2.28 -12.31
C LEU A 292 0.53 -1.35 -12.95
N LEU A 293 -0.26 -1.86 -13.89
CA LEU A 293 -1.30 -1.04 -14.52
C LEU A 293 -2.55 -0.94 -13.68
N TRP A 294 -2.81 -1.93 -12.84
CA TRP A 294 -3.86 -1.81 -11.84
C TRP A 294 -3.55 -0.66 -10.89
N ARG A 295 -2.34 -0.64 -10.35
CA ARG A 295 -1.81 0.48 -9.56
C ARG A 295 -2.01 1.81 -10.30
N GLU A 296 -1.54 1.87 -11.52
CA GLU A 296 -1.71 3.08 -12.32
C GLU A 296 -3.18 3.50 -12.54
N PHE A 297 -4.01 2.52 -12.91
CA PHE A 297 -5.43 2.75 -13.19
C PHE A 297 -6.12 3.38 -11.98
N PHE A 298 -5.85 2.86 -10.78
CA PHE A 298 -6.45 3.38 -9.57
C PHE A 298 -5.86 4.71 -9.11
N TYR A 299 -4.56 4.93 -9.30
CA TYR A 299 -3.98 6.28 -9.04
C TYR A 299 -4.65 7.28 -9.95
N THR A 300 -4.82 6.91 -11.21
CA THR A 300 -5.34 7.82 -12.20
C THR A 300 -6.77 8.25 -11.85
N VAL A 301 -7.65 7.29 -11.63
CA VAL A 301 -9.05 7.59 -11.31
C VAL A 301 -9.19 8.18 -9.92
N GLY A 302 -8.43 7.63 -8.98
CA GLY A 302 -8.53 8.02 -7.60
C GLY A 302 -8.16 9.46 -7.39
N SER A 303 -7.11 9.88 -8.09
CA SER A 303 -6.61 11.24 -7.97
C SER A 303 -7.46 12.32 -8.64
N THR A 304 -8.35 11.91 -9.54
CA THR A 304 -9.26 12.83 -10.23
C THR A 304 -10.73 12.73 -9.77
N THR A 305 -10.98 12.01 -8.66
CA THR A 305 -12.34 11.74 -8.22
C THR A 305 -12.58 12.35 -6.85
N PRO A 306 -13.56 13.25 -6.75
CA PRO A 306 -13.87 13.77 -5.43
C PRO A 306 -14.29 12.69 -4.39
N ASN A 307 -13.82 12.85 -3.15
CA ASN A 307 -14.16 11.99 -2.03
C ASN A 307 -13.87 10.54 -2.28
N PHE A 308 -12.72 10.26 -2.87
CA PHE A 308 -12.49 8.92 -3.38
C PHE A 308 -12.43 7.91 -2.27
N HIS A 309 -11.87 8.29 -1.12
CA HIS A 309 -11.81 7.34 0.01
C HIS A 309 -13.07 7.27 0.90
N ARG A 310 -14.21 7.76 0.41
CA ARG A 310 -15.48 7.62 1.13
C ARG A 310 -16.61 7.25 0.21
N MET A 311 -17.76 6.92 0.80
CA MET A 311 -18.94 6.56 0.03
C MET A 311 -19.72 7.82 -0.38
N ALA A 312 -20.01 8.66 0.61
CA ALA A 312 -20.83 9.85 0.43
C ALA A 312 -20.13 10.86 -0.45
N GLY A 313 -20.83 11.32 -1.50
CA GLY A 313 -20.32 12.33 -2.40
C GLY A 313 -19.24 11.83 -3.34
N ASN A 314 -19.15 10.50 -3.49
CA ASN A 314 -18.18 9.89 -4.36
C ASN A 314 -18.88 9.39 -5.63
N PRO A 315 -18.63 10.08 -6.75
CA PRO A 315 -19.41 9.80 -7.95
C PRO A 315 -19.18 8.43 -8.53
N VAL A 316 -18.06 7.76 -8.24
CA VAL A 316 -17.90 6.38 -8.70
C VAL A 316 -18.49 5.33 -7.77
N CYS A 317 -18.92 5.73 -6.59
CA CYS A 317 -19.23 4.78 -5.55
C CYS A 317 -20.73 4.64 -5.34
N LYS A 318 -21.18 3.38 -5.33
CA LYS A 318 -22.57 3.01 -5.10
C LYS A 318 -22.94 3.40 -3.69
N GLN A 319 -24.15 3.91 -3.52
CA GLN A 319 -24.58 4.32 -2.19
C GLN A 319 -25.35 3.16 -1.64
N ILE A 320 -24.81 2.56 -0.57
CA ILE A 320 -25.31 1.31 0.01
C ILE A 320 -25.61 1.45 1.52
N ASP A 321 -26.64 0.73 1.97
CA ASP A 321 -27.16 0.81 3.35
C ASP A 321 -26.36 -0.01 4.37
N TRP A 322 -25.04 0.19 4.42
CA TRP A 322 -24.19 -0.63 5.29
C TRP A 322 -24.60 -0.43 6.74
N ASP A 323 -24.64 -1.51 7.51
CA ASP A 323 -24.94 -1.47 8.94
C ASP A 323 -23.81 -0.86 9.80
N ASP A 324 -24.22 -0.06 10.78
CA ASP A 324 -23.38 0.38 11.88
C ASP A 324 -23.41 -0.79 12.82
N ASN A 325 -22.28 -1.46 12.97
CA ASN A 325 -22.26 -2.67 13.80
C ASN A 325 -20.92 -2.88 14.46
N PRO A 326 -20.75 -2.32 15.65
CA PRO A 326 -19.46 -2.40 16.30
C PRO A 326 -19.00 -3.79 16.76
N GLU A 327 -19.90 -4.67 17.17
CA GLU A 327 -19.51 -5.99 17.70
CA GLU A 327 -19.46 -5.96 17.71
C GLU A 327 -18.89 -6.83 16.57
N PHE A 328 -19.50 -6.74 15.37
CA PHE A 328 -19.01 -7.47 14.18
C PHE A 328 -17.69 -6.90 13.73
N LEU A 329 -17.64 -5.59 13.55
CA LEU A 329 -16.41 -4.92 13.21
C LEU A 329 -15.29 -5.25 14.20
N ALA A 330 -15.58 -5.18 15.49
CA ALA A 330 -14.55 -5.40 16.49
C ALA A 330 -14.03 -6.83 16.44
N ALA A 331 -14.94 -7.79 16.33
CA ALA A 331 -14.58 -9.19 16.15
C ALA A 331 -13.70 -9.44 14.91
N TRP A 332 -14.10 -8.87 13.77
CA TRP A 332 -13.33 -8.94 12.51
C TRP A 332 -11.93 -8.34 12.68
N ARG A 333 -11.91 -7.11 13.21
CA ARG A 333 -10.69 -6.37 13.47
C ARG A 333 -9.75 -7.16 14.37
N GLU A 334 -10.30 -7.83 15.36
CA GLU A 334 -9.50 -8.44 16.39
C GLU A 334 -9.21 -9.92 16.17
N ALA A 335 -9.55 -10.42 14.98
CA ALA A 335 -9.30 -11.82 14.57
C ALA A 335 -9.98 -12.79 15.52
N ARG A 336 -11.21 -12.46 15.88
CA ARG A 336 -12.06 -13.35 16.66
C ARG A 336 -13.48 -13.52 16.05
N THR A 337 -13.52 -13.70 14.73
CA THR A 337 -14.76 -14.06 14.03
C THR A 337 -15.14 -15.53 14.18
N GLY A 338 -14.23 -16.40 14.63
CA GLY A 338 -14.50 -17.83 14.79
C GLY A 338 -14.37 -18.64 13.51
N PHE A 339 -13.95 -17.99 12.42
CA PHE A 339 -13.62 -18.63 11.16
C PHE A 339 -12.11 -18.56 11.02
N PRO A 340 -11.42 -19.69 11.22
CA PRO A 340 -9.95 -19.68 11.19
C PRO A 340 -9.28 -19.08 9.96
N TRP A 341 -9.84 -19.33 8.80
CA TRP A 341 -9.27 -18.79 7.58
C TRP A 341 -9.17 -17.28 7.65
N ILE A 342 -10.26 -16.64 8.09
CA ILE A 342 -10.35 -15.19 8.24
C ILE A 342 -9.43 -14.72 9.36
N ASP A 343 -9.56 -15.33 10.53
CA ASP A 343 -8.81 -14.90 11.70
C ASP A 343 -7.31 -15.04 11.47
N ALA A 344 -6.90 -16.12 10.81
CA ALA A 344 -5.49 -16.29 10.44
C ALA A 344 -4.96 -15.15 9.59
N ILE A 345 -5.77 -14.74 8.61
CA ILE A 345 -5.45 -13.63 7.70
C ILE A 345 -5.34 -12.32 8.44
N MET A 346 -6.32 -12.01 9.30
CA MET A 346 -6.32 -10.77 10.06
C MET A 346 -5.22 -10.73 11.12
N THR A 347 -4.73 -11.91 11.50
CA THR A 347 -3.59 -12.02 12.40
C THR A 347 -2.32 -11.77 11.59
N GLN A 348 -2.23 -12.33 10.39
CA GLN A 348 -1.10 -12.04 9.46
C GLN A 348 -1.04 -10.55 9.16
N LEU A 349 -2.19 -9.91 9.01
CA LEU A 349 -2.25 -8.46 8.81
C LEU A 349 -1.54 -7.74 9.93
N VAL A 350 -1.82 -8.11 11.17
CA VAL A 350 -1.29 -7.44 12.33
C VAL A 350 0.19 -7.74 12.58
N THR A 351 0.58 -9.01 12.39
CA THR A 351 1.94 -9.46 12.69
C THR A 351 2.93 -9.19 11.54
N TRP A 352 2.49 -9.27 10.28
CA TRP A 352 3.34 -8.99 9.10
C TRP A 352 3.06 -7.66 8.38
N GLY A 353 1.81 -7.20 8.41
CA GLY A 353 1.42 -6.02 7.65
C GLY A 353 1.36 -6.26 6.15
N TRP A 354 1.24 -7.53 5.74
CA TRP A 354 1.05 -7.86 4.33
C TRP A 354 0.35 -9.19 4.29
N MET A 355 -0.63 -9.32 3.40
CA MET A 355 -1.23 -10.62 3.02
C MET A 355 -1.35 -10.64 1.50
N HIS A 356 -1.44 -11.84 0.95
CA HIS A 356 -1.62 -12.04 -0.48
C HIS A 356 -2.98 -11.45 -0.89
N HIS A 357 -3.09 -10.97 -2.12
CA HIS A 357 -4.32 -10.26 -2.48
C HIS A 357 -5.54 -11.10 -2.21
N LEU A 358 -5.54 -12.36 -2.57
CA LEU A 358 -6.74 -13.21 -2.37
C LEU A 358 -7.14 -13.40 -0.92
N ALA A 359 -6.17 -13.30 -0.03
CA ALA A 359 -6.43 -13.28 1.40
C ALA A 359 -7.12 -11.96 1.78
N ARG A 360 -6.72 -10.87 1.13
CA ARG A 360 -7.41 -9.58 1.29
C ARG A 360 -8.86 -9.68 0.77
N HIS A 361 -9.06 -10.38 -0.35
CA HIS A 361 -10.41 -10.62 -0.88
C HIS A 361 -11.30 -11.36 0.12
N SER A 362 -10.79 -12.48 0.62
CA SER A 362 -11.48 -13.24 1.67
C SER A 362 -12.04 -12.37 2.81
N VAL A 363 -11.15 -11.66 3.51
CA VAL A 363 -11.50 -10.86 4.71
C VAL A 363 -12.30 -9.59 4.38
N ALA A 364 -12.05 -9.04 3.19
CA ALA A 364 -12.72 -7.82 2.79
C ALA A 364 -14.16 -8.07 2.39
N CYS A 365 -14.36 -9.08 1.56
CA CYS A 365 -15.70 -9.56 1.25
C CYS A 365 -16.51 -9.93 2.51
N PHE A 366 -15.89 -10.69 3.41
CA PHE A 366 -16.49 -11.13 4.65
C PHE A 366 -16.98 -9.93 5.45
N LEU A 367 -16.19 -8.87 5.55
CA LEU A 367 -16.63 -7.71 6.31
C LEU A 367 -17.82 -7.00 5.67
N THR A 368 -17.78 -6.88 4.35
CA THR A 368 -18.72 -6.05 3.62
C THR A 368 -19.88 -6.89 3.11
N ARG A 369 -19.94 -7.14 1.81
CA ARG A 369 -21.13 -7.77 1.22
C ARG A 369 -21.22 -9.28 1.45
N GLY A 370 -20.14 -9.88 1.91
CA GLY A 370 -20.12 -11.31 2.14
C GLY A 370 -20.88 -11.78 3.36
N ASP A 371 -20.65 -11.15 4.52
CA ASP A 371 -21.16 -11.70 5.78
C ASP A 371 -21.64 -10.65 6.78
N LEU A 372 -20.78 -9.71 7.12
CA LEU A 372 -21.06 -8.74 8.17
C LEU A 372 -21.82 -7.45 7.76
N TYR A 373 -21.89 -7.16 6.46
CA TYR A 373 -22.55 -5.94 5.92
C TYR A 373 -22.11 -4.65 6.61
N VAL A 374 -20.81 -4.59 6.88
CA VAL A 374 -20.18 -3.41 7.48
C VAL A 374 -19.49 -2.63 6.36
N SER A 375 -19.47 -1.31 6.51
CA SER A 375 -18.97 -0.44 5.46
C SER A 375 -17.53 -0.70 5.13
N TRP A 376 -17.24 -0.65 3.85
CA TRP A 376 -15.88 -0.80 3.37
C TRP A 376 -14.93 0.26 3.94
N GLU A 377 -15.46 1.43 4.28
CA GLU A 377 -14.67 2.49 4.93
C GLU A 377 -14.01 2.03 6.23
N ARG A 378 -14.78 1.30 7.05
CA ARG A 378 -14.28 0.76 8.32
C ARG A 378 -13.15 -0.25 8.07
N GLY A 379 -13.25 -1.04 7.00
CA GLY A 379 -12.22 -2.02 6.64
C GLY A 379 -10.91 -1.39 6.15
N MET A 380 -11.04 -0.42 5.25
CA MET A 380 -9.94 0.41 4.81
C MET A 380 -9.18 1.00 6.00
N GLU A 381 -9.92 1.55 6.97
CA GLU A 381 -9.31 2.11 8.20
C GLU A 381 -8.45 1.09 8.96
N VAL A 382 -8.93 -0.14 9.09
CA VAL A 382 -8.11 -1.17 9.74
C VAL A 382 -6.83 -1.49 8.95
N PHE A 383 -6.96 -1.70 7.64
CA PHE A 383 -5.81 -1.95 6.75
C PHE A 383 -4.81 -0.78 6.81
N GLU A 384 -5.35 0.43 6.81
CA GLU A 384 -4.58 1.67 6.85
C GLU A 384 -3.66 1.63 8.07
N GLU A 385 -4.19 1.15 9.19
CA GLU A 385 -3.41 1.05 10.44
C GLU A 385 -2.25 0.03 10.37
N HIS A 386 -2.43 -1.08 9.67
CA HIS A 386 -1.51 -2.23 9.77
C HIS A 386 -0.66 -2.55 8.57
N LEU A 387 -1.15 -2.25 7.37
CA LEU A 387 -0.43 -2.62 6.13
C LEU A 387 0.91 -1.87 5.96
N ILE A 388 1.98 -2.60 5.70
CA ILE A 388 3.26 -1.95 5.40
C ILE A 388 3.33 -1.43 3.99
N ASP A 389 2.47 -1.96 3.12
CA ASP A 389 2.31 -1.44 1.77
C ASP A 389 1.10 -0.53 1.63
N GLN A 390 0.66 0.07 2.74
CA GLN A 390 -0.64 0.73 2.74
C GLN A 390 -0.55 1.96 1.85
N ASP A 391 -1.44 2.03 0.87
CA ASP A 391 -1.40 3.05 -0.15
C ASP A 391 -2.80 3.63 -0.26
N HIS A 392 -2.88 4.94 -0.09
CA HIS A 392 -4.16 5.65 -0.03
C HIS A 392 -5.17 5.24 -1.13
N TYR A 393 -4.78 5.42 -2.39
CA TYR A 393 -5.69 5.14 -3.52
C TYR A 393 -5.94 3.66 -3.75
N LEU A 394 -4.92 2.82 -3.60
CA LEU A 394 -5.08 1.40 -3.91
C LEU A 394 -5.99 0.74 -2.88
N ASN A 395 -5.86 1.18 -1.63
CA ASN A 395 -6.63 0.63 -0.50
C ASN A 395 -8.12 1.02 -0.67
N ALA A 396 -8.37 2.31 -0.89
CA ALA A 396 -9.71 2.81 -1.18
C ALA A 396 -10.32 2.12 -2.39
N ALA A 397 -9.55 2.02 -3.47
CA ALA A 397 -10.05 1.42 -4.71
C ALA A 397 -10.42 -0.03 -4.53
N ASN A 398 -9.52 -0.78 -3.90
CA ASN A 398 -9.73 -2.21 -3.73
C ASN A 398 -10.84 -2.53 -2.73
N TRP A 399 -11.04 -1.64 -1.76
CA TRP A 399 -12.15 -1.81 -0.82
C TRP A 399 -13.52 -1.58 -1.46
N MET A 400 -13.56 -0.62 -2.38
CA MET A 400 -14.73 -0.38 -3.25
C MET A 400 -14.93 -1.54 -4.22
N TRP A 401 -13.84 -2.09 -4.75
CA TRP A 401 -13.95 -3.28 -5.59
C TRP A 401 -14.56 -4.45 -4.84
N LEU A 402 -14.00 -4.79 -3.70
CA LEU A 402 -14.39 -6.02 -2.97
C LEU A 402 -15.73 -5.94 -2.27
N SER A 403 -16.23 -4.71 -2.05
CA SER A 403 -17.56 -4.49 -1.51
C SER A 403 -18.60 -4.30 -2.62
N ALA A 404 -18.14 -4.42 -3.87
CA ALA A 404 -18.98 -4.30 -5.06
C ALA A 404 -19.66 -2.94 -5.12
N SER A 405 -18.87 -1.90 -4.82
CA SER A 405 -19.35 -0.51 -4.69
C SER A 405 -18.88 0.34 -5.85
N ALA A 406 -17.71 0.02 -6.38
CA ALA A 406 -17.23 0.57 -7.64
C ALA A 406 -16.42 -0.49 -8.39
N PHE A 407 -16.23 -0.25 -9.69
CA PHE A 407 -15.43 -1.12 -10.56
C PHE A 407 -15.95 -2.55 -10.78
N PHE A 408 -16.68 -3.09 -9.83
CA PHE A 408 -17.11 -4.48 -9.85
C PHE A 408 -18.50 -4.53 -9.22
N SER A 409 -19.40 -5.27 -9.85
CA SER A 409 -20.81 -5.28 -9.46
C SER A 409 -21.51 -6.65 -9.44
N GLN A 410 -20.77 -7.73 -9.61
CA GLN A 410 -21.30 -9.09 -9.55
C GLN A 410 -21.26 -9.59 -8.10
N TYR A 411 -22.12 -9.01 -7.25
CA TYR A 411 -22.04 -9.15 -5.79
C TYR A 411 -22.36 -10.54 -5.27
N PHE A 412 -23.07 -11.34 -6.06
CA PHE A 412 -23.38 -12.73 -5.66
C PHE A 412 -22.12 -13.61 -5.65
N ARG A 413 -20.98 -13.11 -6.12
CA ARG A 413 -19.73 -13.88 -6.12
C ARG A 413 -19.02 -13.83 -4.76
N VAL A 414 -19.67 -14.42 -3.77
CA VAL A 414 -19.26 -14.32 -2.39
C VAL A 414 -18.24 -15.40 -2.08
N TYR A 415 -17.13 -15.00 -1.49
CA TYR A 415 -16.13 -15.95 -1.06
C TYR A 415 -16.61 -16.62 0.21
N SER A 416 -16.44 -17.93 0.27
CA SER A 416 -16.71 -18.73 1.48
C SER A 416 -15.50 -18.72 2.43
N PRO A 417 -15.71 -18.25 3.67
CA PRO A 417 -14.64 -18.30 4.66
C PRO A 417 -14.23 -19.74 5.11
N VAL A 418 -14.98 -20.76 4.72
CA VAL A 418 -14.63 -22.13 5.01
C VAL A 418 -13.91 -22.75 3.84
N VAL A 419 -14.53 -22.72 2.66
CA VAL A 419 -14.08 -23.45 1.47
C VAL A 419 -12.89 -22.83 0.74
N PHE A 420 -12.83 -21.49 0.72
CA PHE A 420 -11.87 -20.81 -0.16
C PHE A 420 -10.43 -21.28 -0.02
N GLY A 421 -9.84 -21.09 1.14
CA GLY A 421 -8.45 -21.49 1.36
C GLY A 421 -8.25 -22.99 1.48
N LYS A 422 -9.32 -23.71 1.78
CA LYS A 422 -9.32 -25.17 1.85
C LYS A 422 -8.77 -25.81 0.57
N LYS A 423 -9.08 -25.23 -0.59
CA LYS A 423 -8.64 -25.79 -1.86
C LYS A 423 -7.19 -25.48 -2.24
N TYR A 424 -6.55 -24.55 -1.55
CA TYR A 424 -5.11 -24.30 -1.68
C TYR A 424 -4.27 -24.95 -0.60
N ASP A 425 -4.88 -25.26 0.55
CA ASP A 425 -4.16 -25.53 1.79
C ASP A 425 -5.07 -26.35 2.69
N PRO A 426 -5.33 -27.61 2.28
CA PRO A 426 -6.29 -28.44 2.99
C PRO A 426 -5.78 -29.02 4.31
N GLU A 427 -4.46 -29.03 4.54
CA GLU A 427 -3.89 -29.33 5.88
C GLU A 427 -4.02 -28.14 6.87
N GLY A 428 -4.07 -26.90 6.37
CA GLY A 428 -4.25 -25.72 7.21
C GLY A 428 -2.94 -25.20 7.74
N ARG A 429 -1.90 -25.29 6.93
CA ARG A 429 -0.55 -24.83 7.30
C ARG A 429 -0.48 -23.34 7.59
N PHE A 430 -1.24 -22.56 6.81
CA PHE A 430 -1.37 -21.11 7.04
C PHE A 430 -2.10 -20.82 8.36
N ILE A 431 -3.17 -21.54 8.63
CA ILE A 431 -3.97 -21.33 9.83
C ILE A 431 -3.10 -21.70 11.03
N ARG A 432 -2.46 -22.87 10.95
CA ARG A 432 -1.53 -23.32 12.00
C ARG A 432 -0.42 -22.32 12.27
N LYS A 433 0.16 -21.76 11.21
CA LYS A 433 1.24 -20.77 11.32
C LYS A 433 0.84 -19.52 12.08
N PHE A 434 -0.33 -18.98 11.77
CA PHE A 434 -0.81 -17.69 12.31
C PHE A 434 -1.83 -17.79 13.43
N LEU A 435 -2.44 -18.96 13.58
CA LEU A 435 -3.25 -19.29 14.75
C LEU A 435 -2.67 -20.54 15.41
N PRO A 436 -1.54 -20.37 16.14
CA PRO A 436 -0.98 -21.37 17.04
C PRO A 436 -2.01 -22.19 17.85
N VAL A 437 -3.02 -21.53 18.41
CA VAL A 437 -4.05 -22.21 19.21
C VAL A 437 -4.65 -23.45 18.53
N LEU A 438 -4.78 -23.42 17.20
CA LEU A 438 -5.30 -24.55 16.39
C LEU A 438 -4.21 -25.49 15.82
N LYS A 439 -2.98 -25.32 16.27
CA LYS A 439 -1.83 -26.04 15.74
C LYS A 439 -2.01 -27.55 15.74
N ASP A 440 -2.73 -28.10 16.72
CA ASP A 440 -2.97 -29.57 16.78
C ASP A 440 -4.38 -30.03 16.39
N MET A 441 -5.22 -29.12 15.92
CA MET A 441 -6.57 -29.47 15.47
C MET A 441 -6.44 -30.26 14.18
N PRO A 442 -7.06 -31.45 14.13
CA PRO A 442 -6.91 -32.22 12.90
C PRO A 442 -7.47 -31.50 11.68
N ALA A 443 -6.76 -31.63 10.55
CA ALA A 443 -7.13 -31.04 9.24
C ALA A 443 -8.62 -31.13 8.90
N LYS A 444 -9.24 -32.27 9.19
CA LYS A 444 -10.67 -32.46 8.93
C LYS A 444 -11.57 -31.28 9.42
N TYR A 445 -11.20 -30.66 10.54
CA TYR A 445 -12.01 -29.65 11.23
C TYR A 445 -11.31 -28.30 11.38
N ILE A 446 -10.11 -28.14 10.84
CA ILE A 446 -9.34 -26.91 11.11
C ILE A 446 -9.98 -25.67 10.49
N TYR A 447 -10.73 -25.81 9.40
CA TYR A 447 -11.48 -24.68 8.82
C TYR A 447 -12.85 -24.48 9.46
N GLU A 448 -13.40 -25.50 10.14
CA GLU A 448 -14.71 -25.43 10.84
C GLU A 448 -14.64 -26.11 12.23
N PRO A 449 -13.94 -25.50 13.17
CA PRO A 449 -13.71 -26.17 14.43
C PRO A 449 -14.96 -26.31 15.35
N TRP A 450 -15.99 -25.53 15.12
CA TRP A 450 -17.28 -25.77 15.78
C TRP A 450 -17.94 -27.13 15.38
N THR A 451 -17.54 -27.73 14.24
CA THR A 451 -17.98 -29.09 13.82
C THR A 451 -17.15 -30.25 14.40
N ALA A 452 -16.03 -29.95 15.07
CA ALA A 452 -15.25 -30.99 15.75
C ALA A 452 -16.04 -31.44 16.99
N PRO A 453 -16.10 -32.76 17.24
CA PRO A 453 -16.69 -33.21 18.50
C PRO A 453 -15.79 -32.91 19.68
N LEU A 454 -16.42 -32.66 20.83
CA LEU A 454 -15.75 -32.09 21.99
C LEU A 454 -14.47 -32.84 22.38
N GLU A 455 -14.39 -34.15 22.15
CA GLU A 455 -13.15 -34.90 22.45
C GLU A 455 -11.94 -34.48 21.59
N VAL A 456 -12.19 -34.20 20.31
CA VAL A 456 -11.12 -33.80 19.39
C VAL A 456 -10.57 -32.43 19.78
N GLN A 457 -11.48 -31.55 20.22
CA GLN A 457 -11.13 -30.23 20.72
C GLN A 457 -10.20 -30.30 21.93
N ARG A 458 -10.61 -31.07 22.94
CA ARG A 458 -9.82 -31.23 24.17
C ARG A 458 -8.46 -31.86 23.89
N LYS A 459 -8.43 -32.91 23.08
CA LYS A 459 -7.17 -33.49 22.62
C LYS A 459 -6.23 -32.48 21.92
N ALA A 460 -6.79 -31.64 21.05
CA ALA A 460 -6.02 -30.62 20.32
C ALA A 460 -5.52 -29.50 21.21
N GLY A 461 -6.20 -29.25 22.33
CA GLY A 461 -5.84 -28.14 23.23
C GLY A 461 -6.52 -26.87 22.74
N CYS A 462 -7.76 -27.04 22.27
CA CYS A 462 -8.49 -25.96 21.62
C CYS A 462 -10.00 -26.23 21.63
N VAL A 463 -10.63 -25.79 22.73
CA VAL A 463 -12.08 -25.87 22.87
C VAL A 463 -12.73 -24.56 22.46
N VAL A 464 -13.68 -24.65 21.53
CA VAL A 464 -14.48 -23.54 21.03
C VAL A 464 -15.32 -22.95 22.16
N GLY A 465 -15.29 -21.62 22.30
CA GLY A 465 -15.93 -20.92 23.41
C GLY A 465 -15.00 -20.72 24.59
N ARG A 466 -13.76 -21.18 24.47
CA ARG A 466 -12.79 -21.13 25.57
C ARG A 466 -11.40 -20.72 25.05
N ASP A 467 -10.79 -21.56 24.22
CA ASP A 467 -9.46 -21.27 23.60
C ASP A 467 -9.53 -20.50 22.28
N TYR A 468 -10.64 -20.66 21.55
CA TYR A 468 -10.90 -20.03 20.26
C TYR A 468 -12.40 -19.69 20.22
N PRO A 469 -12.79 -18.55 19.62
CA PRO A 469 -14.22 -18.22 19.60
C PRO A 469 -15.10 -19.01 18.65
N ALA A 470 -16.40 -19.06 18.96
CA ALA A 470 -17.43 -19.66 18.09
C ALA A 470 -17.67 -18.74 16.92
N PRO A 471 -18.01 -19.30 15.74
CA PRO A 471 -18.25 -18.44 14.58
C PRO A 471 -19.38 -17.47 14.83
N ILE A 472 -19.12 -16.20 14.51
CA ILE A 472 -20.03 -15.11 14.86
C ILE A 472 -21.28 -15.02 14.00
N VAL A 473 -21.26 -15.71 12.86
CA VAL A 473 -22.44 -15.85 12.00
C VAL A 473 -22.47 -17.25 11.35
N ASP A 474 -23.66 -17.67 10.92
CA ASP A 474 -23.81 -18.84 10.03
C ASP A 474 -23.62 -18.38 8.56
N HIS A 475 -22.53 -18.82 7.90
CA HIS A 475 -22.17 -18.26 6.59
C HIS A 475 -23.29 -18.33 5.57
N ALA A 476 -23.93 -19.48 5.49
CA ALA A 476 -25.04 -19.67 4.54
C ALA A 476 -26.21 -18.69 4.80
N VAL A 477 -26.62 -18.52 6.07
CA VAL A 477 -27.69 -17.57 6.40
C VAL A 477 -27.29 -16.12 6.13
N ALA A 478 -26.10 -15.77 6.61
CA ALA A 478 -25.61 -14.42 6.54
C ALA A 478 -25.33 -14.01 5.09
N SER A 479 -24.58 -14.81 4.35
CA SER A 479 -24.25 -14.44 2.96
C SER A 479 -25.49 -14.23 2.10
N LYS A 480 -26.50 -15.08 2.27
CA LYS A 480 -27.79 -14.90 1.61
C LYS A 480 -28.51 -13.64 2.07
N ALA A 481 -28.48 -13.36 3.36
CA ALA A 481 -29.07 -12.13 3.89
C ALA A 481 -28.47 -10.90 3.21
N CYS A 482 -27.13 -10.88 3.14
CA CYS A 482 -26.37 -9.78 2.53
C CYS A 482 -26.66 -9.59 1.03
N ILE A 483 -26.68 -10.69 0.28
CA ILE A 483 -26.98 -10.65 -1.16
C ILE A 483 -28.32 -9.94 -1.40
N ALA A 484 -29.34 -10.36 -0.64
CA ALA A 484 -30.67 -9.74 -0.70
C ALA A 484 -30.61 -8.22 -0.49
N ARG A 485 -29.84 -7.80 0.52
CA ARG A 485 -29.66 -6.40 0.86
C ARG A 485 -28.97 -5.61 -0.25
N MET A 486 -27.96 -6.23 -0.87
CA MET A 486 -27.23 -5.64 -1.99
C MET A 486 -28.15 -5.49 -3.20
N ALA A 487 -28.99 -6.49 -3.42
CA ALA A 487 -29.91 -6.47 -4.55
C ALA A 487 -30.88 -5.30 -4.41
N ALA A 488 -31.42 -5.15 -3.21
CA ALA A 488 -32.32 -4.04 -2.87
C ALA A 488 -31.61 -2.69 -2.99
N ALA A 489 -30.37 -2.63 -2.54
CA ALA A 489 -29.56 -1.41 -2.61
C ALA A 489 -29.23 -1.00 -4.04
N TYR A 490 -29.10 -1.99 -4.93
CA TYR A 490 -28.90 -1.76 -6.37
C TYR A 490 -30.16 -1.28 -7.08
N ARG A 491 -31.30 -1.88 -6.70
CA ARG A 491 -32.61 -1.42 -7.17
C ARG A 491 -32.83 0.06 -6.81
N ARG A 492 -32.54 0.44 -5.57
CA ARG A 492 -32.74 1.82 -5.13
C ARG A 492 -31.91 2.80 -5.91
N SER A 493 -30.62 2.51 -6.08
CA SER A 493 -29.78 3.41 -6.86
C SER A 493 -30.03 3.27 -8.40
N LYS A 494 -30.70 2.21 -8.86
CA LYS A 494 -31.27 2.22 -10.23
C LYS A 494 -32.45 3.19 -10.39
N GLY A 495 -33.30 3.26 -9.36
CA GLY A 495 -34.47 4.17 -9.32
C GLY A 495 -34.14 5.66 -9.20
N GLU A 496 -33.12 5.99 -8.38
CA GLU A 496 -32.56 7.35 -8.29
C GLU A 496 -31.93 7.85 -9.59
N LYS A 497 -31.37 6.89 -10.36
CA LYS A 497 -30.64 7.16 -11.61
C LYS A 497 -31.50 7.83 -12.69
N LEU A 498 -32.75 7.36 -12.82
CA LEU A 498 -33.73 8.02 -13.68
C LEU A 498 -34.24 9.32 -12.99
N ALA A 499 -33.43 10.39 -13.10
CA ALA A 499 -33.73 11.69 -12.46
C ALA A 499 -32.94 12.82 -13.14
#